data_3KMR
#
_entry.id   3KMR
#
_cell.length_a   88.307
_cell.length_b   61.218
_cell.length_c   49.444
_cell.angle_alpha   90.00
_cell.angle_beta   105.38
_cell.angle_gamma   90.00
#
_symmetry.space_group_name_H-M   'C 1 2 1'
#
loop_
_entity.id
_entity.type
_entity.pdbx_description
1 polymer 'Retinoic acid receptor alpha'
2 polymer 'Nuclear receptor coactivator 1'
3 non-polymer '4-{[(5,5,8,8-tetramethyl-5,6,7,8-tetrahydronaphthalen-2-yl)carbonyl]amino}benzoic acid'
4 water water
#
loop_
_entity_poly.entity_id
_entity_poly.type
_entity_poly.pdbx_seq_one_letter_code
_entity_poly.pdbx_strand_id
1 'polypeptide(L)'
;MGSSHHHHHHSSGLVPRGSHESYTLTPEVGELIEKVRKAHQETFPALCQLGKYTTNNSSEQRVSLDIDLWDKFSELSTKC
IIKTVEFAKQLPGFTTLTIADQITLLKAACLDILILRICTRYTPEQDTMTFSDGLTLNRTQMHNAGFGPLTDLVFAFANQ
LLPLEMDDAETGLLSAICLICGDRQDLEQPDRVDMLQEPLLEALKVYVRKRRPSRPHMFPKMLMKITDLRSISAKGAERV
ITLKMEIPGSMPPLIQEMLENSEGLD
;
A
2 'polypeptide(L)' RHKILHRLLQEGS C
#
loop_
_chem_comp.id
_chem_comp.type
_chem_comp.name
_chem_comp.formula
EQN non-polymer '4-{[(5,5,8,8-tetramethyl-5,6,7,8-tetrahydronaphthalen-2-yl)carbonyl]amino}benzoic acid' 'C22 H25 N O3'
#
# COMPACT_ATOMS: atom_id res chain seq x y z
N PRO A 27 14.61 5.09 -23.04
CA PRO A 27 13.71 5.24 -24.19
C PRO A 27 12.29 4.70 -23.89
N GLU A 28 12.04 3.44 -24.23
CA GLU A 28 10.77 2.78 -23.95
C GLU A 28 10.67 2.48 -22.45
N VAL A 29 11.83 2.28 -21.83
CA VAL A 29 11.94 2.15 -20.39
C VAL A 29 11.62 3.49 -19.72
N GLY A 30 12.15 4.57 -20.30
CA GLY A 30 11.88 5.93 -19.82
C GLY A 30 10.40 6.25 -19.74
N GLU A 31 9.66 5.83 -20.77
CA GLU A 31 8.21 6.04 -20.82
C GLU A 31 7.46 5.22 -19.77
N LEU A 32 7.84 3.96 -19.58
CA LEU A 32 7.22 3.10 -18.56
C LEU A 32 7.38 3.69 -17.15
N ILE A 33 8.61 4.12 -16.84
CA ILE A 33 8.93 4.78 -15.59
C ILE A 33 8.02 5.99 -15.38
N GLU A 34 7.95 6.85 -16.40
CA GLU A 34 7.15 8.08 -16.32
C GLU A 34 5.65 7.80 -16.13
N LYS A 35 5.11 6.78 -16.80
CA LYS A 35 3.72 6.38 -16.60
C LYS A 35 3.44 5.92 -15.17
N VAL A 36 4.36 5.13 -14.61
CA VAL A 36 4.19 4.62 -13.25
C VAL A 36 4.39 5.73 -12.20
N ARG A 37 5.38 6.59 -12.41
CA ARG A 37 5.60 7.74 -11.55
C ARG A 37 4.34 8.59 -11.46
N LYS A 38 3.78 8.91 -12.63
CA LYS A 38 2.55 9.73 -12.77
C LYS A 38 1.35 9.05 -12.12
N ALA A 39 1.18 7.76 -12.38
CA ALA A 39 0.12 6.94 -11.77
C ALA A 39 0.11 7.03 -10.25
N HIS A 40 1.29 6.88 -9.64
CA HIS A 40 1.43 6.97 -8.18
C HIS A 40 1.24 8.40 -7.66
N GLN A 41 2.00 9.34 -8.21
CA GLN A 41 1.92 10.75 -7.83
C GLN A 41 0.49 11.28 -7.87
N GLU A 42 -0.25 10.93 -8.93
CA GLU A 42 -1.63 11.43 -9.13
C GLU A 42 -2.68 10.75 -8.25
N THR A 43 -2.30 9.69 -7.55
CA THR A 43 -3.22 9.00 -6.67
C THR A 43 -2.74 9.01 -5.20
N PHE A 44 -1.65 9.73 -4.94
CA PHE A 44 -0.98 9.73 -3.62
C PHE A 44 -0.46 11.12 -3.24
N PRO A 45 -1.18 11.86 -2.37
CA PRO A 45 -0.63 13.14 -1.89
C PRO A 45 0.57 12.90 -0.98
N ALA A 46 1.64 13.67 -1.18
CA ALA A 46 2.84 13.55 -0.36
C ALA A 46 2.63 14.20 0.99
N LEU A 47 3.36 13.71 1.99
CA LEU A 47 3.35 14.30 3.32
C LEU A 47 3.52 15.82 3.34
N CYS A 48 4.48 16.35 2.58
CA CYS A 48 4.74 17.78 2.53
C CYS A 48 3.54 18.59 2.03
N GLN A 49 2.71 17.98 1.20
CA GLN A 49 1.53 18.65 0.61
C GLN A 49 0.37 18.78 1.59
N LEU A 50 0.37 17.94 2.62
CA LEU A 50 -0.79 17.79 3.51
C LEU A 50 -0.77 18.72 4.72
N GLY A 51 -1.94 19.13 5.17
CA GLY A 51 -2.07 19.91 6.40
C GLY A 51 -2.27 18.93 7.55
N LYS A 52 -1.17 18.63 8.24
CA LYS A 52 -1.23 17.67 9.35
C LYS A 52 -2.15 18.14 10.44
N TYR A 53 -2.92 17.23 11.01
CA TYR A 53 -3.72 17.54 12.19
C TYR A 53 -3.79 16.33 13.10
N THR A 54 -3.99 16.58 14.39
CA THR A 54 -4.01 15.50 15.37
C THR A 54 -5.38 15.38 16.03
N THR A 55 -5.51 14.35 16.84
CA THR A 55 -6.72 14.11 17.62
C THR A 55 -6.31 13.71 19.04
N ASN A 56 -7.16 13.99 20.01
CA ASN A 56 -6.90 13.59 21.40
C ASN A 56 -7.31 12.15 21.74
N ASN A 57 -8.02 11.50 20.82
CA ASN A 57 -8.55 10.14 21.01
C ASN A 57 -7.50 9.16 21.52
N SER A 58 -7.70 8.66 22.74
CA SER A 58 -6.80 7.70 23.40
C SER A 58 -5.32 7.90 23.06
N SER A 59 -4.89 9.16 23.05
CA SER A 59 -3.57 9.51 22.52
C SER A 59 -2.41 8.87 23.27
N GLU A 60 -2.60 8.61 24.56
CA GLU A 60 -1.50 8.12 25.37
C GLU A 60 -1.65 6.71 25.90
N GLN A 61 -2.89 6.28 26.16
CA GLN A 61 -3.15 4.94 26.73
C GLN A 61 -3.43 3.88 25.65
N ARG A 62 -2.66 2.81 25.65
CA ARG A 62 -2.95 1.69 24.74
C ARG A 62 -4.24 1.00 25.18
N VAL A 63 -5.16 0.85 24.24
CA VAL A 63 -6.41 0.13 24.44
C VAL A 63 -6.57 -0.93 23.33
N SER A 64 -7.50 -1.87 23.54
CA SER A 64 -7.69 -2.95 22.57
C SER A 64 -8.24 -2.41 21.25
N LEU A 65 -9.15 -1.44 21.35
CA LEU A 65 -9.70 -0.71 20.20
C LEU A 65 -10.34 0.61 20.63
N ASP A 66 -10.00 1.68 19.92
CA ASP A 66 -10.70 2.96 20.07
C ASP A 66 -11.68 3.08 18.92
N ILE A 67 -12.97 3.11 19.25
CA ILE A 67 -14.02 3.14 18.21
C ILE A 67 -13.94 4.37 17.28
N ASP A 68 -13.86 5.56 17.87
CA ASP A 68 -13.76 6.79 17.08
C ASP A 68 -12.56 6.76 16.12
N LEU A 69 -11.43 6.24 16.60
CA LEU A 69 -10.27 6.04 15.73
C LEU A 69 -10.50 4.97 14.66
N TRP A 70 -11.05 3.81 15.05
CA TRP A 70 -11.47 2.80 14.06
C TRP A 70 -12.38 3.41 12.96
N ASP A 71 -13.39 4.18 13.35
CA ASP A 71 -14.25 4.86 12.38
C ASP A 71 -13.48 5.74 11.37
N LYS A 72 -12.57 6.55 11.86
CA LYS A 72 -11.75 7.41 10.99
C LYS A 72 -10.83 6.58 10.08
N PHE A 73 -10.15 5.61 10.69
CA PHE A 73 -9.19 4.72 10.01
C PHE A 73 -9.85 3.87 8.91
N SER A 74 -11.02 3.31 9.19
CA SER A 74 -11.70 2.46 8.21
C SER A 74 -12.19 3.30 7.02
N GLU A 75 -12.67 4.51 7.31
CA GLU A 75 -13.13 5.44 6.29
C GLU A 75 -11.97 5.85 5.37
N LEU A 76 -10.85 6.21 5.96
CA LEU A 76 -9.62 6.54 5.21
C LEU A 76 -9.13 5.35 4.39
N SER A 77 -9.25 4.15 4.97
CA SER A 77 -8.87 2.91 4.24
C SER A 77 -9.70 2.68 2.98
N THR A 78 -11.01 2.91 3.10
CA THR A 78 -11.92 2.82 1.97
C THR A 78 -11.49 3.79 0.86
N LYS A 79 -11.22 5.03 1.23
CA LYS A 79 -10.77 6.03 0.27
C LYS A 79 -9.46 5.64 -0.40
N CYS A 80 -8.54 5.04 0.38
CA CYS A 80 -7.24 4.62 -0.15
C CYS A 80 -7.37 3.43 -1.10
N ILE A 81 -8.29 2.51 -0.82
CA ILE A 81 -8.52 1.38 -1.74
C ILE A 81 -9.00 1.93 -3.10
N ILE A 82 -9.87 2.93 -3.06
CA ILE A 82 -10.37 3.57 -4.29
C ILE A 82 -9.20 4.14 -5.11
N LYS A 83 -8.31 4.88 -4.45
CA LYS A 83 -7.10 5.40 -5.07
C LYS A 83 -6.18 4.29 -5.62
N THR A 84 -6.09 3.17 -4.91
CA THR A 84 -5.26 2.04 -5.35
C THR A 84 -5.77 1.44 -6.66
N VAL A 85 -7.10 1.31 -6.79
CA VAL A 85 -7.72 0.85 -8.03
C VAL A 85 -7.44 1.82 -9.18
N GLU A 86 -7.57 3.12 -8.92
CA GLU A 86 -7.27 4.18 -9.89
C GLU A 86 -5.81 4.05 -10.38
N PHE A 87 -4.92 3.83 -9.43
CA PHE A 87 -3.48 3.61 -9.69
C PHE A 87 -3.28 2.39 -10.60
N ALA A 88 -3.88 1.27 -10.21
CA ALA A 88 -3.74 0.01 -10.96
C ALA A 88 -4.17 0.17 -12.41
N LYS A 89 -5.28 0.86 -12.61
CA LYS A 89 -5.82 1.06 -13.95
C LYS A 89 -4.91 1.88 -14.87
N GLN A 90 -3.98 2.64 -14.28
CA GLN A 90 -3.05 3.47 -15.04
C GLN A 90 -1.75 2.72 -15.39
N LEU A 91 -1.57 1.53 -14.83
CA LEU A 91 -0.38 0.73 -15.11
C LEU A 91 -0.53 0.03 -16.46
N PRO A 92 0.46 0.22 -17.35
CA PRO A 92 0.39 -0.38 -18.69
C PRO A 92 0.09 -1.87 -18.65
N GLY A 93 -0.93 -2.29 -19.39
CA GLY A 93 -1.27 -3.70 -19.51
C GLY A 93 -2.21 -4.24 -18.44
N PHE A 94 -2.37 -3.52 -17.33
CA PHE A 94 -3.20 -4.04 -16.23
C PHE A 94 -4.64 -4.33 -16.66
N THR A 95 -5.26 -3.38 -17.35
CA THR A 95 -6.65 -3.55 -17.78
C THR A 95 -6.79 -4.51 -18.98
N THR A 96 -5.67 -5.02 -19.49
CA THR A 96 -5.68 -6.04 -20.57
C THR A 96 -5.78 -7.46 -20.03
N LEU A 97 -5.50 -7.62 -18.73
CA LEU A 97 -5.67 -8.89 -18.03
C LEU A 97 -7.17 -9.21 -17.93
N THR A 98 -7.52 -10.48 -17.72
CA THR A 98 -8.94 -10.82 -17.48
C THR A 98 -9.45 -10.04 -16.28
N ILE A 99 -10.74 -9.71 -16.30
CA ILE A 99 -11.34 -9.04 -15.14
C ILE A 99 -11.15 -9.85 -13.85
N ALA A 100 -11.35 -11.17 -13.95
CA ALA A 100 -11.11 -12.06 -12.80
C ALA A 100 -9.71 -11.91 -12.22
N ASP A 101 -8.70 -11.82 -13.09
CA ASP A 101 -7.32 -11.66 -12.63
C ASP A 101 -7.04 -10.25 -12.08
N GLN A 102 -7.62 -9.21 -12.69
CA GLN A 102 -7.49 -7.86 -12.10
C GLN A 102 -7.99 -7.86 -10.66
N ILE A 103 -9.13 -8.48 -10.44
CA ILE A 103 -9.73 -8.58 -9.10
C ILE A 103 -8.84 -9.39 -8.14
N THR A 104 -8.37 -10.55 -8.59
CA THR A 104 -7.49 -11.40 -7.79
C THR A 104 -6.21 -10.67 -7.38
N LEU A 105 -5.60 -9.96 -8.32
CA LEU A 105 -4.39 -9.18 -8.04
C LEU A 105 -4.66 -8.08 -7.03
N LEU A 106 -5.74 -7.33 -7.23
CA LEU A 106 -6.07 -6.20 -6.35
C LEU A 106 -6.33 -6.65 -4.91
N LYS A 107 -7.07 -7.76 -4.76
CA LYS A 107 -7.35 -8.32 -3.45
C LYS A 107 -6.09 -8.80 -2.74
N ALA A 108 -5.21 -9.46 -3.47
CA ALA A 108 -3.97 -9.99 -2.92
C ALA A 108 -2.97 -8.92 -2.50
N ALA A 109 -2.94 -7.80 -3.21
CA ALA A 109 -1.97 -6.71 -3.00
C ALA A 109 -2.52 -5.57 -2.13
N CYS A 110 -3.80 -5.65 -1.79
CA CYS A 110 -4.50 -4.53 -1.14
C CYS A 110 -3.75 -4.04 0.11
N LEU A 111 -3.53 -4.94 1.07
CA LEU A 111 -2.83 -4.53 2.30
C LEU A 111 -1.38 -4.13 2.08
N ASP A 112 -0.70 -4.82 1.17
CA ASP A 112 0.66 -4.48 0.83
C ASP A 112 0.77 -3.02 0.40
N ILE A 113 -0.09 -2.61 -0.52
CA ILE A 113 -0.07 -1.24 -1.04
C ILE A 113 -0.52 -0.22 0.02
N LEU A 114 -1.60 -0.51 0.74
CA LEU A 114 -2.04 0.39 1.81
C LEU A 114 -0.93 0.61 2.83
N ILE A 115 -0.31 -0.49 3.25
CA ILE A 115 0.73 -0.41 4.30
C ILE A 115 1.95 0.36 3.80
N LEU A 116 2.36 0.10 2.55
CA LEU A 116 3.43 0.90 1.94
C LEU A 116 3.08 2.38 1.96
N ARG A 117 1.85 2.70 1.53
CA ARG A 117 1.41 4.09 1.47
C ARG A 117 1.47 4.84 2.81
N ILE A 118 0.91 4.23 3.86
CA ILE A 118 0.89 4.90 5.18
C ILE A 118 2.33 5.04 5.76
N CYS A 119 3.16 4.03 5.52
CA CYS A 119 4.57 4.04 6.03
C CYS A 119 5.43 5.06 5.32
N THR A 120 5.03 5.39 4.10
CA THR A 120 5.66 6.46 3.32
C THR A 120 5.46 7.82 4.01
N ARG A 121 4.42 7.94 4.84
CA ARG A 121 4.19 9.20 5.54
C ARG A 121 4.56 9.15 7.03
N TYR A 122 5.67 8.47 7.32
CA TYR A 122 6.18 8.34 8.68
C TYR A 122 7.05 9.53 9.10
N THR A 123 6.79 10.09 10.29
CA THR A 123 7.65 11.13 10.89
C THR A 123 8.33 10.56 12.16
N PRO A 124 9.65 10.29 12.11
CA PRO A 124 10.38 9.62 13.22
C PRO A 124 10.32 10.38 14.55
N GLU A 125 10.57 11.68 14.49
CA GLU A 125 10.61 12.59 15.63
C GLU A 125 9.43 12.41 16.61
N GLN A 126 8.20 12.46 16.09
CA GLN A 126 7.01 12.29 16.92
C GLN A 126 6.43 10.89 16.83
N ASP A 127 7.07 10.05 16.01
CA ASP A 127 6.72 8.63 15.87
C ASP A 127 5.27 8.50 15.39
N THR A 128 4.99 9.17 14.26
CA THR A 128 3.65 9.29 13.70
C THR A 128 3.56 8.88 12.24
N MET A 129 2.36 8.50 11.81
CA MET A 129 2.08 8.36 10.38
C MET A 129 0.91 9.25 10.02
N THR A 130 0.92 9.75 8.79
CA THR A 130 -0.08 10.73 8.34
C THR A 130 -0.88 10.14 7.19
N PHE A 131 -2.21 10.17 7.34
CA PHE A 131 -3.13 9.67 6.32
C PHE A 131 -3.40 10.73 5.24
N SER A 132 -4.08 10.32 4.17
CA SER A 132 -4.26 11.17 2.97
C SER A 132 -5.05 12.46 3.18
N ASP A 133 -5.82 12.53 4.28
CA ASP A 133 -6.53 13.76 4.63
C ASP A 133 -5.75 14.67 5.60
N GLY A 134 -4.55 14.24 6.01
CA GLY A 134 -3.77 14.99 6.98
C GLY A 134 -3.81 14.43 8.40
N LEU A 135 -4.73 13.51 8.67
CA LEU A 135 -4.83 12.93 10.02
C LEU A 135 -3.49 12.30 10.40
N THR A 136 -2.95 12.70 11.55
CA THR A 136 -1.62 12.26 11.97
C THR A 136 -1.77 11.57 13.32
N LEU A 137 -1.46 10.26 13.33
CA LEU A 137 -1.60 9.41 14.53
C LEU A 137 -0.25 8.94 15.06
N ASN A 138 -0.05 8.98 16.39
CA ASN A 138 1.14 8.38 17.00
C ASN A 138 1.05 6.83 17.05
N ARG A 139 2.12 6.20 17.50
CA ARG A 139 2.17 4.74 17.59
C ARG A 139 1.00 4.16 18.41
N THR A 140 0.72 4.77 19.55
CA THR A 140 -0.36 4.33 20.43
C THR A 140 -1.73 4.43 19.74
N GLN A 141 -1.96 5.54 19.04
CA GLN A 141 -3.21 5.73 18.29
C GLN A 141 -3.34 4.77 17.11
N MET A 142 -2.24 4.51 16.40
CA MET A 142 -2.24 3.51 15.31
C MET A 142 -2.63 2.13 15.85
N HIS A 143 -1.98 1.71 16.95
CA HIS A 143 -2.37 0.51 17.70
C HIS A 143 -3.87 0.51 18.01
N ASN A 144 -4.35 1.61 18.57
CA ASN A 144 -5.73 1.75 19.05
C ASN A 144 -6.76 1.80 17.93
N ALA A 145 -6.32 2.28 16.77
CA ALA A 145 -7.17 2.40 15.57
C ALA A 145 -7.52 1.06 14.95
N GLY A 146 -6.67 0.05 15.16
CA GLY A 146 -6.87 -1.28 14.58
C GLY A 146 -5.61 -2.11 14.32
N PHE A 147 -4.46 -1.46 14.21
CA PHE A 147 -3.23 -2.21 13.96
C PHE A 147 -2.93 -3.30 15.01
N GLY A 148 -3.18 -3.01 16.29
CA GLY A 148 -2.98 -4.00 17.35
C GLY A 148 -1.59 -4.63 17.34
N PRO A 149 -1.52 -5.97 17.23
CA PRO A 149 -0.24 -6.68 17.19
C PRO A 149 0.61 -6.36 15.94
N LEU A 150 0.01 -5.71 14.95
CA LEU A 150 0.72 -5.34 13.73
C LEU A 150 1.58 -4.08 13.91
N THR A 151 1.34 -3.33 14.99
CA THR A 151 1.86 -1.96 15.11
C THR A 151 3.39 -1.89 15.03
N ASP A 152 4.08 -2.66 15.88
CA ASP A 152 5.53 -2.54 15.92
C ASP A 152 6.20 -3.01 14.62
N LEU A 153 5.65 -4.04 13.99
CA LEU A 153 6.16 -4.51 12.69
C LEU A 153 6.03 -3.46 11.57
N VAL A 154 4.87 -2.81 11.52
CA VAL A 154 4.58 -1.75 10.55
C VAL A 154 5.51 -0.55 10.78
N PHE A 155 5.66 -0.14 12.05
CA PHE A 155 6.58 0.94 12.39
C PHE A 155 8.05 0.59 12.10
N ALA A 156 8.42 -0.67 12.34
CA ALA A 156 9.76 -1.15 11.99
C ALA A 156 9.99 -1.03 10.49
N PHE A 157 9.00 -1.46 9.71
CA PHE A 157 9.02 -1.30 8.28
C PHE A 157 9.22 0.15 7.82
N ALA A 158 8.43 1.06 8.40
CA ALA A 158 8.53 2.49 8.08
C ALA A 158 9.94 3.04 8.36
N ASN A 159 10.48 2.67 9.51
CA ASN A 159 11.82 3.10 9.91
C ASN A 159 12.93 2.62 8.98
N GLN A 160 12.75 1.43 8.42
CA GLN A 160 13.70 0.81 7.51
C GLN A 160 13.50 1.30 6.09
N LEU A 161 12.31 1.82 5.81
CA LEU A 161 11.98 2.33 4.50
C LEU A 161 12.59 3.71 4.34
N LEU A 162 12.38 4.54 5.35
CA LEU A 162 12.75 5.96 5.31
C LEU A 162 14.17 6.25 4.79
N PRO A 163 15.21 5.57 5.32
CA PRO A 163 16.58 5.89 4.91
C PRO A 163 16.96 5.49 3.48
N LEU A 164 16.06 4.82 2.77
CA LEU A 164 16.24 4.48 1.36
C LEU A 164 16.03 5.71 0.47
N GLU A 165 15.38 6.73 1.01
CA GLU A 165 15.12 8.00 0.32
C GLU A 165 14.47 7.80 -1.07
N MET A 166 13.43 6.97 -1.10
CA MET A 166 12.72 6.68 -2.34
C MET A 166 11.93 7.89 -2.80
N ASP A 167 11.80 8.03 -4.13
CA ASP A 167 10.92 9.07 -4.71
C ASP A 167 9.65 8.45 -5.28
N ASP A 168 8.81 9.28 -5.92
CA ASP A 168 7.52 8.84 -6.46
C ASP A 168 7.66 7.69 -7.47
N ALA A 169 8.67 7.78 -8.34
CA ALA A 169 8.91 6.77 -9.35
C ALA A 169 9.24 5.43 -8.70
N GLU A 170 10.11 5.46 -7.69
CA GLU A 170 10.53 4.26 -6.98
C GLU A 170 9.41 3.64 -6.14
N THR A 171 8.65 4.47 -5.41
CA THR A 171 7.52 3.98 -4.62
C THR A 171 6.41 3.44 -5.52
N GLY A 172 6.19 4.15 -6.64
CA GLY A 172 5.20 3.74 -7.65
C GLY A 172 5.57 2.40 -8.26
N LEU A 173 6.84 2.24 -8.63
CA LEU A 173 7.34 1.00 -9.22
C LEU A 173 7.24 -0.17 -8.25
N LEU A 174 7.63 0.03 -7.00
CA LEU A 174 7.52 -1.02 -5.97
C LEU A 174 6.06 -1.45 -5.76
N SER A 175 5.15 -0.47 -5.69
CA SER A 175 3.69 -0.74 -5.64
C SER A 175 3.22 -1.59 -6.84
N ALA A 176 3.66 -1.22 -8.02
CA ALA A 176 3.31 -1.94 -9.26
C ALA A 176 3.88 -3.36 -9.26
N ILE A 177 5.10 -3.53 -8.78
CA ILE A 177 5.72 -4.86 -8.73
C ILE A 177 4.98 -5.74 -7.73
N CYS A 178 4.57 -5.16 -6.61
CA CYS A 178 3.76 -5.85 -5.60
CA CYS A 178 3.77 -5.86 -5.60
C CYS A 178 2.42 -6.31 -6.15
N LEU A 179 1.78 -5.45 -6.92
CA LEU A 179 0.47 -5.74 -7.51
C LEU A 179 0.54 -6.79 -8.63
N ILE A 180 1.45 -6.57 -9.57
CA ILE A 180 1.49 -7.38 -10.79
C ILE A 180 2.43 -8.55 -10.51
N CYS A 181 1.87 -9.54 -9.83
CA CYS A 181 2.64 -10.67 -9.30
C CYS A 181 1.96 -11.97 -9.71
N GLY A 182 2.72 -12.83 -10.40
CA GLY A 182 2.13 -14.05 -10.98
C GLY A 182 2.01 -15.22 -10.03
N ASP A 183 2.47 -15.05 -8.79
CA ASP A 183 2.45 -16.17 -7.86
C ASP A 183 1.19 -16.18 -6.97
N ARG A 184 0.30 -15.21 -7.17
CA ARG A 184 -0.94 -15.15 -6.40
C ARG A 184 -1.81 -16.36 -6.71
N GLN A 185 -2.44 -16.90 -5.66
CA GLN A 185 -3.29 -18.08 -5.83
C GLN A 185 -4.53 -17.70 -6.64
N ASP A 186 -4.99 -18.65 -7.46
CA ASP A 186 -6.26 -18.55 -8.17
C ASP A 186 -6.23 -17.68 -9.43
N LEU A 187 -5.04 -17.26 -9.87
CA LEU A 187 -4.92 -16.55 -11.16
C LEU A 187 -5.22 -17.48 -12.33
N GLU A 188 -5.94 -16.95 -13.32
CA GLU A 188 -6.27 -17.70 -14.54
C GLU A 188 -5.09 -17.73 -15.50
N GLN A 189 -4.33 -16.63 -15.56
CA GLN A 189 -3.19 -16.51 -16.45
C GLN A 189 -1.93 -16.01 -15.73
N PRO A 190 -1.35 -16.86 -14.85
CA PRO A 190 -0.18 -16.45 -14.06
C PRO A 190 1.07 -16.11 -14.89
N ASP A 191 1.32 -16.85 -15.98
CA ASP A 191 2.49 -16.58 -16.84
C ASP A 191 2.41 -15.19 -17.47
N ARG A 192 1.22 -14.82 -17.94
CA ARG A 192 0.96 -13.50 -18.51
C ARG A 192 1.24 -12.38 -17.49
N VAL A 193 0.86 -12.61 -16.23
CA VAL A 193 1.13 -11.65 -15.15
C VAL A 193 2.64 -11.53 -14.91
N ASP A 194 3.33 -12.67 -14.86
CA ASP A 194 4.80 -12.73 -14.77
C ASP A 194 5.45 -11.89 -15.86
N MET A 195 4.96 -12.06 -17.08
CA MET A 195 5.49 -11.34 -18.25
C MET A 195 5.29 -9.84 -18.13
N LEU A 196 4.13 -9.42 -17.62
CA LEU A 196 3.84 -7.99 -17.45
C LEU A 196 4.70 -7.35 -16.36
N GLN A 197 5.04 -8.14 -15.34
CA GLN A 197 5.90 -7.69 -14.25
C GLN A 197 7.36 -7.47 -14.69
N GLU A 198 7.82 -8.28 -15.65
CA GLU A 198 9.21 -8.22 -16.10
C GLU A 198 9.72 -6.80 -16.43
N PRO A 199 9.00 -6.05 -17.31
CA PRO A 199 9.40 -4.66 -17.61
C PRO A 199 9.48 -3.73 -16.39
N LEU A 200 8.66 -3.99 -15.37
CA LEU A 200 8.68 -3.16 -14.16
C LEU A 200 9.95 -3.36 -13.34
N LEU A 201 10.35 -4.62 -13.19
CA LEU A 201 11.60 -4.97 -12.51
C LEU A 201 12.82 -4.39 -13.23
N GLU A 202 12.81 -4.48 -14.56
CA GLU A 202 13.87 -3.93 -15.39
C GLU A 202 13.91 -2.40 -15.24
N ALA A 203 12.73 -1.77 -15.31
CA ALA A 203 12.59 -0.32 -15.19
C ALA A 203 13.11 0.22 -13.86
N LEU A 204 12.76 -0.47 -12.77
CA LEU A 204 13.26 -0.09 -11.44
C LEU A 204 14.78 -0.24 -11.33
N LYS A 205 15.30 -1.35 -11.85
CA LYS A 205 16.74 -1.62 -11.80
C LYS A 205 17.54 -0.49 -12.46
N VAL A 206 17.12 -0.10 -13.66
CA VAL A 206 17.85 0.93 -14.42
C VAL A 206 17.65 2.35 -13.85
N TYR A 207 16.50 2.59 -13.23
CA TYR A 207 16.19 3.90 -12.65
C TYR A 207 16.97 4.15 -11.35
N VAL A 208 17.04 3.12 -10.53
CA VAL A 208 17.68 3.21 -9.21
C VAL A 208 19.18 3.41 -9.33
N ARG A 209 19.78 2.77 -10.34
CA ARG A 209 21.22 2.89 -10.56
C ARG A 209 21.58 4.19 -11.28
N LYS A 210 20.62 4.78 -11.99
CA LYS A 210 20.78 6.13 -12.55
C LYS A 210 20.81 7.17 -11.42
N ARG A 211 19.81 7.11 -10.55
CA ARG A 211 19.67 8.03 -9.42
C ARG A 211 20.81 7.90 -8.42
N ARG A 212 21.15 6.66 -8.08
CA ARG A 212 22.19 6.37 -7.11
C ARG A 212 23.27 5.49 -7.77
N PRO A 213 24.17 6.12 -8.54
CA PRO A 213 25.21 5.34 -9.22
C PRO A 213 26.22 4.75 -8.24
N SER A 214 26.45 5.46 -7.13
CA SER A 214 27.42 5.06 -6.11
C SER A 214 26.97 3.82 -5.32
N ARG A 215 25.67 3.55 -5.30
CA ARG A 215 25.10 2.49 -4.48
C ARG A 215 24.39 1.40 -5.31
N PRO A 216 25.11 0.31 -5.63
CA PRO A 216 24.57 -0.81 -6.39
C PRO A 216 23.84 -1.83 -5.51
N HIS A 217 23.86 -1.61 -4.20
CA HIS A 217 23.18 -2.48 -3.23
C HIS A 217 21.75 -2.02 -2.95
N MET A 218 21.37 -0.90 -3.56
CA MET A 218 20.06 -0.29 -3.31
C MET A 218 18.90 -1.09 -3.89
N PHE A 219 19.05 -1.56 -5.13
CA PHE A 219 17.98 -2.27 -5.84
C PHE A 219 17.51 -3.56 -5.16
N PRO A 220 18.44 -4.44 -4.72
CA PRO A 220 17.99 -5.62 -3.97
C PRO A 220 17.45 -5.30 -2.58
N LYS A 221 17.94 -4.22 -1.96
CA LYS A 221 17.45 -3.80 -0.65
C LYS A 221 16.02 -3.25 -0.78
N MET A 222 15.74 -2.65 -1.93
CA MET A 222 14.40 -2.19 -2.29
C MET A 222 13.46 -3.40 -2.48
N LEU A 223 13.95 -4.42 -3.17
CA LEU A 223 13.15 -5.62 -3.46
C LEU A 223 12.74 -6.40 -2.22
N MET A 224 13.63 -6.44 -1.23
CA MET A 224 13.34 -7.15 0.02
C MET A 224 12.27 -6.46 0.87
N LYS A 225 11.95 -5.20 0.53
CA LYS A 225 10.82 -4.52 1.16
C LYS A 225 9.51 -5.20 0.76
N ILE A 226 9.47 -5.74 -0.46
CA ILE A 226 8.30 -6.49 -0.93
C ILE A 226 8.12 -7.76 -0.11
N THR A 227 9.22 -8.48 0.11
CA THR A 227 9.20 -9.66 0.96
C THR A 227 8.76 -9.31 2.38
N ASP A 228 9.29 -8.20 2.90
CA ASP A 228 8.86 -7.69 4.22
C ASP A 228 7.38 -7.37 4.23
N LEU A 229 6.92 -6.69 3.18
CA LEU A 229 5.52 -6.31 3.04
C LEU A 229 4.59 -7.52 2.99
N ARG A 230 5.00 -8.56 2.26
CA ARG A 230 4.23 -9.80 2.13
C ARG A 230 4.03 -10.44 3.51
N SER A 231 5.12 -10.53 4.26
CA SER A 231 5.12 -11.04 5.63
C SER A 231 4.15 -10.24 6.51
N ILE A 232 4.26 -8.92 6.45
CA ILE A 232 3.37 -8.04 7.24
C ILE A 232 1.90 -8.21 6.80
N SER A 233 1.64 -8.25 5.49
CA SER A 233 0.25 -8.36 5.03
C SER A 233 -0.37 -9.73 5.36
N ALA A 234 0.46 -10.76 5.53
CA ALA A 234 -0.04 -12.08 5.94
C ALA A 234 -0.54 -11.98 7.38
N LYS A 235 0.23 -11.30 8.23
CA LYS A 235 -0.21 -11.07 9.61
C LYS A 235 -1.39 -10.10 9.61
N GLY A 236 -1.41 -9.19 8.63
CA GLY A 236 -2.53 -8.29 8.41
C GLY A 236 -3.84 -9.03 8.16
N ALA A 237 -3.81 -10.06 7.32
CA ALA A 237 -5.01 -10.88 7.08
C ALA A 237 -5.47 -11.62 8.35
N GLU A 238 -4.52 -11.97 9.21
CA GLU A 238 -4.85 -12.53 10.51
C GLU A 238 -5.49 -11.44 11.38
N ARG A 239 -5.06 -10.18 11.21
CA ARG A 239 -5.60 -9.10 12.05
C ARG A 239 -7.01 -8.73 11.60
N VAL A 240 -7.27 -8.85 10.30
CA VAL A 240 -8.61 -8.64 9.76
C VAL A 240 -9.60 -9.56 10.51
N ILE A 241 -9.20 -10.82 10.69
CA ILE A 241 -10.01 -11.82 11.39
C ILE A 241 -10.34 -11.40 12.82
N THR A 242 -9.31 -11.05 13.57
CA THR A 242 -9.49 -10.72 14.97
C THR A 242 -10.22 -9.38 15.20
N LEU A 243 -10.01 -8.42 14.30
CA LEU A 243 -10.72 -7.13 14.35
C LEU A 243 -12.23 -7.27 14.12
N LYS A 244 -12.61 -8.15 13.21
CA LYS A 244 -14.02 -8.41 12.92
C LYS A 244 -14.79 -8.79 14.18
N MET A 245 -14.12 -9.50 15.08
CA MET A 245 -14.69 -9.90 16.37
C MET A 245 -14.81 -8.74 17.37
N GLU A 246 -14.01 -7.70 17.17
CA GLU A 246 -13.93 -6.55 18.07
C GLU A 246 -14.82 -5.38 17.68
N ILE A 247 -14.90 -5.09 16.39
CA ILE A 247 -15.63 -3.91 15.91
C ILE A 247 -17.15 -4.06 16.06
N PRO A 248 -17.87 -2.93 16.29
CA PRO A 248 -19.29 -2.90 16.60
C PRO A 248 -20.21 -3.65 15.61
N GLY A 249 -20.09 -3.33 14.33
CA GLY A 249 -20.95 -3.95 13.32
C GLY A 249 -20.19 -4.82 12.34
N SER A 250 -20.17 -4.40 11.09
CA SER A 250 -19.46 -5.12 10.03
C SER A 250 -18.42 -4.21 9.39
N MET A 251 -17.47 -4.81 8.68
CA MET A 251 -16.50 -4.06 7.89
C MET A 251 -17.24 -3.32 6.78
N PRO A 252 -16.74 -2.12 6.40
CA PRO A 252 -17.30 -1.39 5.27
C PRO A 252 -17.31 -2.24 3.98
N PRO A 253 -18.36 -2.08 3.13
CA PRO A 253 -18.55 -2.97 1.99
C PRO A 253 -17.31 -3.17 1.11
N LEU A 254 -16.63 -2.09 0.72
CA LEU A 254 -15.44 -2.21 -0.14
C LEU A 254 -14.30 -2.99 0.53
N ILE A 255 -14.06 -2.72 1.82
CA ILE A 255 -13.08 -3.49 2.60
C ILE A 255 -13.43 -4.99 2.59
N GLN A 256 -14.72 -5.30 2.80
CA GLN A 256 -15.22 -6.68 2.67
C GLN A 256 -14.88 -7.29 1.31
N GLU A 257 -15.12 -6.56 0.23
CA GLU A 257 -14.82 -7.06 -1.11
C GLU A 257 -13.34 -7.37 -1.29
N MET A 258 -12.48 -6.50 -0.76
CA MET A 258 -11.04 -6.66 -0.92
C MET A 258 -10.45 -7.75 -0.04
N LEU A 259 -10.92 -7.85 1.21
CA LEU A 259 -10.24 -8.64 2.23
C LEU A 259 -10.96 -9.91 2.70
N GLU A 260 -12.23 -10.07 2.31
CA GLU A 260 -13.00 -11.26 2.65
C GLU A 260 -13.17 -12.18 1.44
N HIS B 2 -18.26 -9.16 -6.41
CA HIS B 2 -17.34 -7.99 -6.28
C HIS B 2 -17.94 -6.77 -6.99
N LYS B 3 -19.14 -6.41 -6.57
CA LYS B 3 -19.96 -5.36 -7.18
C LYS B 3 -19.26 -4.00 -7.25
N ILE B 4 -18.81 -3.49 -6.11
CA ILE B 4 -18.14 -2.18 -6.08
C ILE B 4 -16.84 -2.23 -6.89
N LEU B 5 -16.02 -3.26 -6.65
CA LEU B 5 -14.76 -3.42 -7.37
C LEU B 5 -14.96 -3.50 -8.89
N HIS B 6 -15.97 -4.25 -9.34
CA HIS B 6 -16.34 -4.30 -10.76
C HIS B 6 -16.70 -2.93 -11.30
N ARG B 7 -17.46 -2.17 -10.52
CA ARG B 7 -17.88 -0.83 -10.94
C ARG B 7 -16.68 0.10 -11.08
N LEU B 8 -15.79 0.07 -10.09
CA LEU B 8 -14.55 0.86 -10.11
C LEU B 8 -13.63 0.48 -11.26
N LEU B 9 -13.58 -0.81 -11.58
CA LEU B 9 -12.73 -1.28 -12.67
C LEU B 9 -13.23 -0.87 -14.06
N GLN B 10 -14.53 -0.59 -14.16
CA GLN B 10 -15.11 -0.08 -15.40
C GLN B 10 -14.99 1.45 -15.49
N GLU B 11 -15.83 2.14 -14.72
CA GLU B 11 -15.91 3.62 -14.68
C GLU B 11 -16.00 4.26 -16.06
CAA EQN C . -8.53 -1.28 8.00
CAB EQN C . -7.93 -2.38 5.85
CAC EQN C . -5.35 -5.05 8.42
CAD EQN C . -5.71 -3.47 10.30
OAE EQN C . -2.81 7.01 2.78
OAF EQN C . -2.62 0.82 5.94
OAG EQN C . -4.73 7.66 3.59
CAH EQN C . -3.30 3.14 4.52
CAI EQN C . -5.54 3.79 5.12
CAJ EQN C . -3.09 4.41 3.93
CAK EQN C . -5.33 5.06 4.57
CAL EQN C . -3.49 -1.23 7.50
CAM EQN C . -4.06 -2.29 8.17
CAN EQN C . -5.67 -0.86 6.70
CAO EQN C . -8.44 -3.76 7.84
CAP EQN C . -7.67 -4.26 9.06
NAQ EQN C . -4.79 1.61 5.65
CAR EQN C . -3.87 6.79 3.38
CAS EQN C . -3.84 0.70 6.01
CAT EQN C . -4.52 2.82 5.10
CAU EQN C . -4.10 5.37 3.97
CAV EQN C . -4.35 -0.51 6.72
CAW EQN C . -5.40 -2.71 8.17
CAX EQN C . -6.28 -1.94 7.37
CAY EQN C . -7.79 -2.48 7.39
CAZ EQN C . -6.22 -3.88 8.90
#